data_6IM9
#
_entry.id   6IM9
#
_cell.length_a   83.636
_cell.length_b   83.636
_cell.length_c   240.171
_cell.angle_alpha   90.000
_cell.angle_beta   90.000
_cell.angle_gamma   120.000
#
_symmetry.space_group_name_H-M   'P 32 2 1'
#
loop_
_entity.id
_entity.type
_entity.pdbx_description
1 polymer 'Blue copper oxidase CueO,PM2 peptide,Blue copper oxidase CueO'
2 polymer 'E3 ubiquitin-protein ligase Mdm2'
#
loop_
_entity_poly.entity_id
_entity_poly.type
_entity_poly.pdbx_seq_one_letter_code
_entity_poly.pdbx_strand_id
1 'polypeptide(L)'
;AERPTLPIPDLLTTDARNRIQLTIGAGQSTFGGKTATTWGYNGNLLGPAVKLQRGKAVTVDIYNQLTEETTLHWHGLEVP
GEVDGGPQGIIPPGGKRSVTLNVDQPAATCWFHPHQHGKTGRQVAMGLAGLVVIEDDEILKLMLPKQWGIDDVPVIVQDK
KFSADGQIDYQLDVMTAAVGWFGDTLLTNGAIYPQHAAPRGWLRLRLLNGCNARSLNFATSDNRPLYVIASDGGLLPEPV
KVSELPVLMGERFEVLVEVNDNKPFDLVTLPVSQMGMAIAPFDKPHPVMRIQPIAISASGALPDTLSSLPALPSLEGLTV
RKLQLSMDPILDMMGMQMLMEKYGDQAMAGMDHSQMTSFAEYWALLSMNHGGKFDFHHANKINGQAFDMNKPMFAAAKGQ
YERWVISGVGDMMLHPFHIHGTQFRILSENGKPPAAHRAGWKDTVKVEGNVSEVLVKFNHDAPKEHAYMAHCHLLEHEDT
GMMLGFTVKDPNSSSVDKLAAALEHHHHH
;
A
2 'polypeptide(L)'
;GPMSVPTDGAVTTSQIPASEQETLVRPKPLLLKLLKSVGAQKDTYTMKEVLFYLGQYIMTKRLYDEKQQHIVYCSNDLLG
DLFGVPSFSVKEHRKIYTMIYRNLVVVNQQESSDSGTSVSEN
;
B
#
# COMPACT_ATOMS: atom_id res chain seq x y z
N ARG A 3 -16.92 4.70 -26.57
CA ARG A 3 -15.89 4.29 -25.61
C ARG A 3 -14.76 3.51 -26.30
N PRO A 4 -13.53 3.67 -25.80
CA PRO A 4 -12.38 2.98 -26.39
C PRO A 4 -12.32 1.52 -25.99
N THR A 5 -11.77 0.68 -26.87
CA THR A 5 -11.82 -0.75 -26.60
C THR A 5 -10.65 -1.13 -25.70
N LEU A 6 -10.92 -1.95 -24.70
CA LEU A 6 -9.98 -2.19 -23.64
C LEU A 6 -8.75 -2.88 -24.19
N PRO A 7 -7.56 -2.46 -23.78
CA PRO A 7 -6.32 -3.09 -24.26
C PRO A 7 -6.04 -4.42 -23.60
N ILE A 8 -5.52 -5.39 -24.34
CA ILE A 8 -5.17 -6.64 -23.68
C ILE A 8 -3.66 -6.89 -23.70
N PRO A 9 -3.03 -6.97 -22.52
CA PRO A 9 -1.59 -7.25 -22.45
C PRO A 9 -1.21 -8.52 -23.20
N ASP A 10 -0.17 -8.40 -24.04
CA ASP A 10 0.31 -9.53 -24.81
C ASP A 10 0.72 -10.67 -23.88
N LEU A 11 0.23 -11.87 -24.16
CA LEU A 11 0.65 -13.03 -23.40
C LEU A 11 2.01 -13.51 -23.91
N LEU A 12 2.85 -13.97 -23.01
CA LEU A 12 4.27 -14.09 -23.36
C LEU A 12 4.86 -15.41 -22.91
N THR A 13 4.80 -16.41 -23.79
CA THR A 13 5.55 -17.62 -23.54
C THR A 13 6.95 -17.50 -24.12
N THR A 14 7.74 -18.53 -23.88
CA THR A 14 9.14 -18.58 -24.26
C THR A 14 9.28 -18.88 -25.76
N ASP A 15 10.50 -18.69 -26.25
CA ASP A 15 10.86 -19.00 -27.63
C ASP A 15 11.54 -20.36 -27.69
N ALA A 16 12.32 -20.61 -28.76
CA ALA A 16 13.06 -21.87 -28.89
C ALA A 16 13.99 -22.09 -27.70
N ARG A 17 14.71 -21.04 -27.28
CA ARG A 17 15.44 -21.03 -26.02
C ARG A 17 14.48 -20.55 -24.94
N ASN A 18 14.11 -21.44 -24.01
CA ASN A 18 13.08 -21.07 -23.04
C ASN A 18 13.55 -19.92 -22.16
N ARG A 19 13.59 -18.73 -22.74
CA ARG A 19 13.89 -17.54 -21.96
C ARG A 19 13.09 -16.36 -22.53
N ILE A 20 12.44 -15.63 -21.63
CA ILE A 20 11.60 -14.49 -21.94
C ILE A 20 12.46 -13.24 -21.84
N GLN A 21 12.25 -12.29 -22.74
CA GLN A 21 13.01 -11.06 -22.80
C GLN A 21 12.12 -9.88 -22.43
N LEU A 22 12.56 -9.09 -21.45
CA LEU A 22 11.79 -7.96 -20.94
C LEU A 22 12.67 -6.73 -20.96
N THR A 23 12.24 -5.70 -21.66
CA THR A 23 12.98 -4.46 -21.73
C THR A 23 12.20 -3.37 -21.02
N ILE A 24 12.90 -2.59 -20.18
CA ILE A 24 12.30 -1.61 -19.27
C ILE A 24 12.43 -0.19 -19.84
N GLY A 25 11.56 0.17 -20.80
CA GLY A 25 11.72 1.41 -21.52
C GLY A 25 10.79 2.52 -21.05
N ALA A 26 11.01 3.70 -21.63
CA ALA A 26 10.12 4.85 -21.51
C ALA A 26 9.53 5.14 -22.87
N GLY A 27 8.75 6.20 -22.96
CA GLY A 27 8.06 6.51 -24.20
C GLY A 27 6.80 7.28 -23.89
N GLN A 28 5.86 7.28 -24.84
CA GLN A 28 4.74 8.17 -24.71
C GLN A 28 3.41 7.44 -24.76
N SER A 29 2.48 7.95 -23.97
CA SER A 29 1.10 7.47 -24.00
C SER A 29 0.20 8.70 -23.93
N THR A 30 -1.07 8.50 -24.24
CA THR A 30 -2.01 9.60 -24.37
C THR A 30 -3.23 9.36 -23.52
N PHE A 31 -3.52 10.30 -22.62
CA PHE A 31 -4.67 10.19 -21.75
C PHE A 31 -5.58 11.37 -22.03
N GLY A 32 -6.79 11.07 -22.50
CA GLY A 32 -7.74 12.09 -22.90
C GLY A 32 -7.09 13.12 -23.78
N GLY A 33 -6.49 12.66 -24.87
CA GLY A 33 -5.90 13.59 -25.81
C GLY A 33 -4.73 14.42 -25.33
N LYS A 34 -4.23 14.22 -24.12
CA LYS A 34 -3.03 14.94 -23.71
C LYS A 34 -1.89 13.93 -23.60
N THR A 35 -0.73 14.30 -24.16
CA THR A 35 0.38 13.37 -24.27
C THR A 35 1.23 13.42 -23.02
N ALA A 36 1.51 12.25 -22.45
CA ALA A 36 2.30 12.12 -21.25
C ALA A 36 3.42 11.13 -21.49
N THR A 37 4.48 11.30 -20.71
CA THR A 37 5.62 10.40 -20.72
C THR A 37 5.34 9.27 -19.75
N THR A 38 5.39 8.04 -20.24
CA THR A 38 5.11 6.86 -19.43
C THR A 38 6.21 5.82 -19.67
N TRP A 39 6.27 4.82 -18.81
CA TRP A 39 7.25 3.73 -18.89
C TRP A 39 6.53 2.42 -19.20
N GLY A 40 7.30 1.34 -19.33
CA GLY A 40 6.67 0.06 -19.58
C GLY A 40 7.67 -1.07 -19.78
N TYR A 41 7.18 -2.29 -19.52
CA TYR A 41 7.89 -3.52 -19.86
C TYR A 41 7.50 -3.94 -21.28
N ASN A 42 8.51 -4.14 -22.13
CA ASN A 42 8.31 -4.35 -23.56
C ASN A 42 7.19 -3.47 -24.10
N GLY A 43 7.17 -2.20 -23.70
CA GLY A 43 6.09 -1.38 -24.18
C GLY A 43 6.26 0.07 -23.78
N ASN A 44 5.35 0.89 -24.31
CA ASN A 44 5.11 2.23 -23.83
C ASN A 44 4.53 2.25 -22.43
N LEU A 45 3.83 1.18 -22.05
CA LEU A 45 3.01 1.19 -20.84
C LEU A 45 2.83 -0.23 -20.32
N LEU A 46 3.03 -0.42 -19.02
CA LEU A 46 2.42 -1.47 -18.23
C LEU A 46 2.88 -2.91 -18.47
N GLY A 47 3.61 -3.24 -19.53
CA GLY A 47 4.10 -4.60 -19.68
C GLY A 47 3.11 -5.70 -20.02
N PRO A 48 3.62 -6.94 -20.10
CA PRO A 48 2.81 -8.05 -20.63
C PRO A 48 2.48 -9.14 -19.63
N ALA A 49 1.74 -10.14 -20.04
CA ALA A 49 1.42 -11.28 -19.20
C ALA A 49 2.36 -12.43 -19.51
N VAL A 50 3.11 -12.88 -18.52
CA VAL A 50 4.15 -13.87 -18.70
C VAL A 50 3.55 -15.22 -18.38
N LYS A 51 3.17 -15.99 -19.39
CA LYS A 51 2.65 -17.33 -19.12
C LYS A 51 3.79 -18.20 -18.60
N LEU A 52 3.68 -18.63 -17.35
CA LEU A 52 4.55 -19.64 -16.78
C LEU A 52 3.81 -20.95 -16.59
N GLN A 53 4.57 -22.03 -16.50
CA GLN A 53 4.02 -23.38 -16.38
C GLN A 53 4.70 -24.01 -15.18
N ARG A 54 3.91 -24.48 -14.23
CA ARG A 54 4.46 -24.96 -12.98
C ARG A 54 5.45 -26.08 -13.18
N GLY A 55 6.55 -26.04 -12.43
CA GLY A 55 7.54 -27.11 -12.43
C GLY A 55 8.51 -27.05 -13.59
N LYS A 56 8.15 -26.28 -14.60
CA LYS A 56 8.96 -26.05 -15.77
C LYS A 56 9.55 -24.65 -15.68
N ALA A 57 10.86 -24.57 -15.63
CA ALA A 57 11.53 -23.32 -15.35
C ALA A 57 11.80 -22.54 -16.63
N VAL A 58 12.01 -21.23 -16.47
CA VAL A 58 12.33 -20.36 -17.59
C VAL A 58 13.25 -19.23 -17.13
N THR A 59 13.98 -18.65 -18.09
CA THR A 59 14.96 -17.62 -17.81
C THR A 59 14.49 -16.28 -18.35
N VAL A 60 14.77 -15.23 -17.60
CA VAL A 60 14.26 -13.90 -17.90
C VAL A 60 15.47 -12.97 -17.94
N ASP A 61 15.74 -12.42 -19.11
CA ASP A 61 16.71 -11.35 -19.26
C ASP A 61 15.94 -10.05 -19.11
N ILE A 62 16.43 -9.20 -18.22
CA ILE A 62 15.80 -7.92 -17.91
C ILE A 62 16.79 -6.84 -18.32
N TYR A 63 16.36 -5.98 -19.24
CA TYR A 63 17.16 -4.92 -19.80
C TYR A 63 16.56 -3.57 -19.45
N ASN A 64 17.38 -2.66 -18.94
CA ASN A 64 16.92 -1.41 -18.32
C ASN A 64 17.27 -0.16 -19.13
N GLN A 65 16.39 0.26 -20.04
CA GLN A 65 16.62 1.45 -20.88
C GLN A 65 16.01 2.73 -20.31
N LEU A 66 16.11 2.94 -19.00
CA LEU A 66 15.84 4.21 -18.36
C LEU A 66 17.17 4.93 -18.09
N THR A 67 17.08 6.25 -17.98
CA THR A 67 18.26 6.96 -17.50
C THR A 67 18.57 6.59 -16.06
N GLU A 68 17.59 6.09 -15.30
CA GLU A 68 17.77 5.77 -13.90
C GLU A 68 17.61 4.28 -13.63
N GLU A 69 18.04 3.86 -12.45
CA GLU A 69 18.06 2.47 -12.05
C GLU A 69 16.69 2.04 -11.51
N THR A 70 16.50 0.71 -11.44
CA THR A 70 15.21 0.12 -11.09
C THR A 70 15.41 -1.36 -10.72
N THR A 71 14.38 -1.93 -10.09
CA THR A 71 14.33 -3.35 -9.74
C THR A 71 13.17 -4.02 -10.46
N LEU A 72 13.01 -5.32 -10.16
CA LEU A 72 11.91 -6.10 -10.71
C LEU A 72 11.52 -7.18 -9.70
N HIS A 73 10.42 -6.93 -8.97
CA HIS A 73 9.89 -7.84 -7.96
C HIS A 73 8.78 -8.68 -8.56
N TRP A 74 8.89 -10.00 -8.40
CA TRP A 74 7.89 -10.98 -8.84
C TRP A 74 6.87 -11.15 -7.72
N HIS A 75 5.93 -10.23 -7.67
CA HIS A 75 4.94 -10.12 -6.62
C HIS A 75 4.02 -11.33 -6.66
N GLY A 76 4.11 -12.17 -5.63
CA GLY A 76 3.31 -13.36 -5.53
C GLY A 76 4.01 -14.69 -5.80
N LEU A 77 5.33 -14.71 -6.05
CA LEU A 77 6.02 -15.93 -6.46
C LEU A 77 6.81 -16.59 -5.33
N GLU A 78 6.86 -17.91 -5.38
CA GLU A 78 7.60 -18.73 -4.40
C GLU A 78 8.94 -19.11 -5.02
N VAL A 79 9.92 -18.23 -4.83
CA VAL A 79 11.22 -18.30 -5.49
C VAL A 79 12.27 -17.72 -4.54
N PRO A 80 13.52 -18.21 -4.56
CA PRO A 80 14.53 -17.71 -3.63
C PRO A 80 14.75 -16.20 -3.70
N GLY A 81 15.16 -15.63 -2.56
CA GLY A 81 15.43 -14.20 -2.49
C GLY A 81 16.44 -13.76 -3.51
N GLU A 82 17.18 -14.71 -4.08
CA GLU A 82 18.05 -14.47 -5.22
C GLU A 82 17.33 -13.73 -6.34
N VAL A 83 16.24 -14.31 -6.85
CA VAL A 83 15.62 -13.82 -8.09
C VAL A 83 15.08 -12.41 -7.92
N ASP A 84 14.47 -12.12 -6.78
CA ASP A 84 14.11 -10.74 -6.46
C ASP A 84 15.35 -9.85 -6.49
N GLY A 85 16.43 -10.28 -5.85
CA GLY A 85 17.67 -9.53 -5.88
C GLY A 85 17.99 -8.83 -4.57
N GLY A 86 17.07 -7.99 -4.08
CA GLY A 86 17.27 -7.25 -2.87
C GLY A 86 18.47 -6.34 -2.96
N PRO A 87 19.29 -6.34 -1.91
CA PRO A 87 20.59 -5.64 -1.98
C PRO A 87 21.45 -6.21 -3.11
N GLN A 88 21.99 -5.31 -3.93
CA GLN A 88 22.60 -5.64 -5.22
C GLN A 88 21.73 -6.65 -5.98
N GLY A 89 20.43 -6.36 -6.01
CA GLY A 89 19.51 -6.89 -7.01
C GLY A 89 19.08 -5.79 -7.97
N ILE A 90 19.87 -4.72 -8.01
CA ILE A 90 19.54 -3.50 -8.73
C ILE A 90 20.11 -3.58 -10.13
N ILE A 91 19.30 -3.23 -11.12
CA ILE A 91 19.75 -3.21 -12.51
C ILE A 91 20.14 -1.78 -12.86
N PRO A 92 21.41 -1.52 -13.19
CA PRO A 92 21.85 -0.14 -13.49
C PRO A 92 21.61 0.19 -14.96
N PRO A 93 21.38 1.47 -15.28
CA PRO A 93 20.84 1.81 -16.61
C PRO A 93 21.67 1.21 -17.74
N GLY A 94 20.97 0.78 -18.79
CA GLY A 94 21.56 -0.04 -19.82
C GLY A 94 21.87 -1.47 -19.41
N GLY A 95 21.69 -1.83 -18.13
CA GLY A 95 22.19 -3.08 -17.61
C GLY A 95 21.37 -4.30 -18.00
N LYS A 96 21.97 -5.46 -17.77
CA LYS A 96 21.30 -6.74 -17.89
C LYS A 96 21.21 -7.38 -16.51
N ARG A 97 20.15 -8.14 -16.28
CA ARG A 97 20.13 -9.12 -15.21
C ARG A 97 19.43 -10.35 -15.77
N SER A 98 19.84 -11.54 -15.34
CA SER A 98 19.17 -12.76 -15.78
C SER A 98 18.80 -13.59 -14.56
N VAL A 99 17.55 -14.08 -14.55
CA VAL A 99 17.06 -14.93 -13.47
C VAL A 99 16.41 -16.17 -14.06
N THR A 100 16.31 -17.22 -13.26
CA THR A 100 15.49 -18.37 -13.61
C THR A 100 14.36 -18.53 -12.61
N LEU A 101 13.19 -18.85 -13.13
CA LEU A 101 11.96 -19.01 -12.38
C LEU A 101 11.52 -20.45 -12.60
N ASN A 102 11.78 -21.32 -11.62
CA ASN A 102 11.22 -22.66 -11.64
C ASN A 102 9.93 -22.61 -10.83
N VAL A 103 8.81 -22.66 -11.53
CA VAL A 103 7.53 -22.34 -10.90
C VAL A 103 7.12 -23.50 -10.03
N ASP A 104 6.87 -23.24 -8.75
CA ASP A 104 6.33 -24.29 -7.90
C ASP A 104 5.30 -23.66 -6.96
N GLN A 105 4.05 -23.58 -7.44
CA GLN A 105 2.90 -23.07 -6.69
C GLN A 105 1.68 -23.17 -7.60
N PRO A 106 0.47 -23.24 -7.06
CA PRO A 106 -0.69 -23.55 -7.91
C PRO A 106 -0.97 -22.42 -8.88
N ALA A 107 -1.72 -22.76 -9.93
CA ALA A 107 -2.04 -21.77 -10.96
C ALA A 107 -2.60 -20.53 -10.31
N ALA A 108 -2.16 -19.37 -10.78
CA ALA A 108 -2.38 -18.15 -10.02
C ALA A 108 -2.10 -16.97 -10.94
N THR A 109 -2.58 -15.79 -10.52
CA THR A 109 -2.37 -14.56 -11.31
C THR A 109 -1.58 -13.58 -10.45
N CYS A 110 -0.27 -13.59 -10.65
CA CYS A 110 0.64 -12.72 -9.92
C CYS A 110 1.06 -11.59 -10.85
N TRP A 111 1.91 -10.70 -10.36
CA TRP A 111 2.33 -9.60 -11.22
C TRP A 111 3.76 -9.25 -10.89
N PHE A 112 4.35 -8.32 -11.65
CA PHE A 112 5.68 -7.84 -11.32
C PHE A 112 5.75 -6.32 -11.42
N HIS A 113 6.58 -5.73 -10.56
CA HIS A 113 6.65 -4.28 -10.49
C HIS A 113 8.01 -3.87 -9.96
N PRO A 114 8.47 -2.66 -10.28
CA PRO A 114 9.75 -2.19 -9.73
C PRO A 114 9.72 -2.20 -8.22
N HIS A 115 10.83 -2.67 -7.60
CA HIS A 115 10.87 -2.76 -6.13
C HIS A 115 12.21 -2.28 -5.57
N GLN A 116 12.37 -0.96 -5.51
CA GLN A 116 13.54 -0.33 -4.91
C GLN A 116 13.04 0.64 -3.85
N HIS A 117 13.51 0.45 -2.60
CA HIS A 117 13.08 1.28 -1.49
C HIS A 117 13.45 2.73 -1.76
N GLY A 118 12.44 3.61 -1.74
CA GLY A 118 12.58 5.02 -2.10
C GLY A 118 12.00 5.38 -3.46
N LYS A 119 12.04 4.45 -4.43
CA LYS A 119 11.64 4.71 -5.81
C LYS A 119 10.36 3.99 -6.26
N THR A 120 9.97 2.88 -5.60
CA THR A 120 8.79 2.11 -6.00
C THR A 120 7.58 2.99 -6.31
N GLY A 121 7.27 3.94 -5.44
CA GLY A 121 6.10 4.77 -5.64
C GLY A 121 6.07 5.40 -7.02
N ARG A 122 7.12 6.17 -7.32
CA ARG A 122 7.17 6.90 -8.58
C ARG A 122 7.35 5.96 -9.77
N GLN A 123 8.25 4.98 -9.65
CA GLN A 123 8.50 4.07 -10.76
C GLN A 123 7.23 3.31 -11.17
N VAL A 124 6.43 2.90 -10.19
CA VAL A 124 5.12 2.31 -10.48
C VAL A 124 4.19 3.33 -11.11
N ALA A 125 4.05 4.50 -10.46
CA ALA A 125 3.17 5.54 -10.96
C ALA A 125 3.47 5.83 -12.41
N MET A 126 4.72 5.64 -12.83
CA MET A 126 5.13 5.96 -14.19
C MET A 126 4.51 5.04 -15.23
N GLY A 127 4.24 3.78 -14.87
CA GLY A 127 3.68 2.81 -15.80
C GLY A 127 4.26 1.41 -15.69
N LEU A 128 5.32 1.22 -14.91
CA LEU A 128 5.86 -0.11 -14.74
C LEU A 128 4.90 -0.98 -13.94
N ALA A 129 4.40 -2.04 -14.59
CA ALA A 129 3.57 -3.10 -14.02
C ALA A 129 3.70 -4.29 -14.96
N GLY A 130 3.02 -5.40 -14.65
CA GLY A 130 3.06 -6.53 -15.56
C GLY A 130 2.71 -7.87 -14.94
N LEU A 131 1.90 -8.69 -15.60
CA LEU A 131 1.31 -9.87 -14.97
C LEU A 131 2.10 -11.13 -15.25
N VAL A 132 2.00 -12.06 -14.32
CA VAL A 132 2.47 -13.43 -14.47
C VAL A 132 1.24 -14.32 -14.36
N VAL A 133 1.10 -15.23 -15.31
CA VAL A 133 -0.02 -16.13 -15.37
C VAL A 133 0.55 -17.53 -15.17
N ILE A 134 0.27 -18.15 -14.01
CA ILE A 134 0.74 -19.51 -13.72
C ILE A 134 -0.36 -20.51 -14.03
N GLU A 135 0.00 -21.55 -14.80
CA GLU A 135 -0.89 -22.66 -15.10
C GLU A 135 -0.34 -23.95 -14.50
N ASP A 136 -1.16 -24.69 -13.77
CA ASP A 136 -0.87 -26.07 -13.45
C ASP A 136 -1.88 -26.94 -14.16
N ASP A 137 -1.67 -28.26 -14.10
CA ASP A 137 -2.57 -29.18 -14.80
C ASP A 137 -3.97 -29.15 -14.20
N GLU A 138 -4.07 -28.99 -12.88
CA GLU A 138 -5.36 -28.95 -12.19
C GLU A 138 -6.32 -27.98 -12.87
N ILE A 139 -5.85 -26.77 -13.14
CA ILE A 139 -6.75 -25.71 -13.56
C ILE A 139 -7.15 -25.88 -15.02
N LEU A 140 -6.28 -26.48 -15.84
CA LEU A 140 -6.70 -26.74 -17.21
C LEU A 140 -7.79 -27.79 -17.22
N LYS A 141 -7.63 -28.82 -16.38
CA LYS A 141 -8.65 -29.86 -16.34
C LYS A 141 -9.97 -29.27 -15.84
N LEU A 142 -9.98 -27.99 -15.47
CA LEU A 142 -11.14 -27.40 -14.80
C LEU A 142 -12.24 -26.91 -15.75
N MET A 143 -11.91 -26.48 -16.96
CA MET A 143 -12.91 -25.93 -17.90
C MET A 143 -13.45 -24.58 -17.41
N LEU A 144 -12.55 -23.70 -16.99
CA LEU A 144 -12.86 -22.31 -16.76
C LEU A 144 -12.84 -21.59 -18.10
N PRO A 145 -13.33 -20.36 -18.15
CA PRO A 145 -13.12 -19.55 -19.37
C PRO A 145 -11.64 -19.36 -19.63
N LYS A 146 -11.18 -19.68 -20.85
CA LYS A 146 -9.75 -19.78 -21.11
C LYS A 146 -9.26 -18.95 -22.28
N GLN A 147 -10.15 -18.33 -23.05
CA GLN A 147 -9.75 -17.57 -24.23
C GLN A 147 -9.18 -16.24 -23.81
N TRP A 148 -7.85 -16.15 -23.69
CA TRP A 148 -7.21 -14.92 -23.24
C TRP A 148 -7.63 -13.75 -24.10
N GLY A 149 -7.98 -12.64 -23.45
CA GLY A 149 -8.45 -11.46 -24.14
C GLY A 149 -9.85 -11.52 -24.65
N ILE A 150 -10.54 -12.66 -24.53
CA ILE A 150 -11.93 -12.76 -24.97
C ILE A 150 -12.90 -12.91 -23.80
N ASP A 151 -12.87 -14.09 -23.15
CA ASP A 151 -13.65 -14.34 -21.95
C ASP A 151 -12.73 -14.62 -20.76
N ASP A 152 -11.43 -14.33 -20.88
CA ASP A 152 -10.46 -14.43 -19.79
C ASP A 152 -9.62 -13.16 -19.89
N VAL A 153 -9.87 -12.18 -19.05
CA VAL A 153 -9.43 -10.82 -19.30
C VAL A 153 -8.66 -10.25 -18.13
N PRO A 154 -7.40 -9.87 -18.31
CA PRO A 154 -6.73 -9.05 -17.31
C PRO A 154 -7.40 -7.70 -17.18
N VAL A 155 -7.66 -7.29 -15.94
CA VAL A 155 -8.22 -5.98 -15.63
C VAL A 155 -7.33 -5.33 -14.58
N ILE A 156 -6.34 -4.54 -15.05
CA ILE A 156 -5.40 -3.81 -14.20
C ILE A 156 -5.98 -2.42 -13.96
N VAL A 157 -6.41 -2.13 -12.74
CA VAL A 157 -7.07 -0.87 -12.43
C VAL A 157 -6.13 -0.01 -11.60
N GLN A 158 -5.91 1.22 -12.05
CA GLN A 158 -4.98 2.13 -11.38
C GLN A 158 -5.52 3.54 -11.40
N ASP A 159 -5.18 4.32 -10.41
CA ASP A 159 -5.44 5.75 -10.54
C ASP A 159 -4.12 6.44 -10.80
N LYS A 160 -4.22 7.59 -11.48
CA LYS A 160 -3.13 8.53 -11.66
C LYS A 160 -3.67 9.95 -11.62
N LYS A 161 -2.77 10.89 -11.33
CA LYS A 161 -3.06 12.32 -11.41
C LYS A 161 -2.10 12.98 -12.40
N PHE A 162 -2.59 13.97 -13.14
CA PHE A 162 -1.79 14.55 -14.20
C PHE A 162 -1.70 16.05 -14.02
N SER A 163 -0.53 16.57 -14.39
CA SER A 163 -0.23 17.98 -14.29
C SER A 163 -1.01 18.77 -15.35
N ALA A 164 -0.80 20.08 -15.35
CA ALA A 164 -1.32 20.93 -16.42
C ALA A 164 -0.89 20.42 -17.79
N ASP A 165 0.36 19.94 -17.87
CA ASP A 165 0.97 19.55 -19.14
C ASP A 165 0.25 18.38 -19.78
N GLY A 166 -0.46 17.59 -18.98
CA GLY A 166 -0.92 16.28 -19.38
C GLY A 166 0.02 15.16 -19.01
N GLN A 167 1.19 15.49 -18.44
CA GLN A 167 2.18 14.57 -17.96
C GLN A 167 1.84 14.12 -16.54
N ILE A 168 2.43 13.01 -16.12
CA ILE A 168 2.12 12.43 -14.81
C ILE A 168 2.68 13.32 -13.72
N ASP A 169 1.87 13.61 -12.72
CA ASP A 169 2.26 14.52 -11.64
C ASP A 169 2.46 13.68 -10.38
N TYR A 170 3.69 13.26 -10.13
CA TYR A 170 4.04 12.60 -8.88
C TYR A 170 4.81 13.56 -7.99
N GLN A 171 4.64 13.37 -6.69
CA GLN A 171 5.44 14.10 -5.71
C GLN A 171 5.41 13.28 -4.43
N LEU A 172 6.60 12.99 -3.89
CA LEU A 172 6.68 12.23 -2.64
C LEU A 172 6.88 13.18 -1.46
N ASP A 173 5.95 14.12 -1.32
CA ASP A 173 5.99 15.12 -0.26
C ASP A 173 5.39 14.52 1.02
N VAL A 174 5.18 15.35 2.05
CA VAL A 174 4.75 14.82 3.34
C VAL A 174 3.28 14.42 3.33
N MET A 175 2.51 14.90 2.35
CA MET A 175 1.13 14.44 2.31
C MET A 175 1.05 13.05 1.69
N THR A 176 1.66 12.87 0.52
CA THR A 176 1.62 11.55 -0.09
C THR A 176 2.36 10.52 0.74
N ALA A 177 3.40 10.93 1.47
CA ALA A 177 4.00 9.97 2.39
C ALA A 177 3.05 9.62 3.52
N ALA A 178 2.06 10.47 3.79
CA ALA A 178 1.15 10.22 4.90
C ALA A 178 -0.08 9.41 4.47
N VAL A 179 -0.82 9.89 3.46
CA VAL A 179 -2.05 9.23 3.03
C VAL A 179 -1.90 8.47 1.72
N GLY A 180 -0.84 8.72 0.95
CA GLY A 180 -0.59 8.02 -0.29
C GLY A 180 -0.67 8.95 -1.51
N TRP A 181 0.01 8.54 -2.57
CA TRP A 181 -0.19 9.14 -3.88
C TRP A 181 -1.48 8.60 -4.49
N PHE A 182 -2.42 9.49 -4.78
CA PHE A 182 -3.69 9.09 -5.36
C PHE A 182 -4.18 10.23 -6.23
N GLY A 183 -4.95 9.89 -7.26
CA GLY A 183 -5.36 10.92 -8.21
C GLY A 183 -6.84 10.96 -8.52
N ASP A 184 -7.16 11.42 -9.73
CA ASP A 184 -8.55 11.53 -10.15
C ASP A 184 -8.89 10.77 -11.41
N THR A 185 -7.90 10.21 -12.12
CA THR A 185 -8.18 9.55 -13.39
C THR A 185 -7.91 8.06 -13.25
N LEU A 186 -8.88 7.23 -13.65
CA LEU A 186 -8.84 5.79 -13.41
C LEU A 186 -8.56 5.03 -14.70
N LEU A 187 -7.52 4.21 -14.68
CA LEU A 187 -6.94 3.57 -15.85
C LEU A 187 -7.16 2.07 -15.77
N THR A 188 -7.99 1.57 -16.65
CA THR A 188 -8.30 0.16 -16.74
C THR A 188 -7.45 -0.45 -17.85
N ASN A 189 -6.37 -1.11 -17.48
CA ASN A 189 -5.38 -1.60 -18.41
C ASN A 189 -4.75 -0.47 -19.19
N GLY A 190 -4.59 0.66 -18.54
CA GLY A 190 -4.05 1.82 -19.19
C GLY A 190 -5.09 2.75 -19.81
N ALA A 191 -6.28 2.24 -20.08
CA ALA A 191 -7.30 3.03 -20.76
C ALA A 191 -8.19 3.75 -19.76
N ILE A 192 -8.91 4.76 -20.24
CA ILE A 192 -9.89 5.48 -19.42
C ILE A 192 -11.27 5.00 -19.82
N TYR A 193 -11.99 4.38 -18.89
CA TYR A 193 -13.33 3.85 -19.12
C TYR A 193 -13.44 3.07 -20.43
N PRO A 194 -12.63 2.04 -20.61
CA PRO A 194 -12.72 1.30 -21.87
C PRO A 194 -13.93 0.39 -21.95
N GLN A 195 -14.06 -0.28 -23.08
CA GLN A 195 -15.22 -1.11 -23.36
C GLN A 195 -14.70 -2.44 -23.85
N HIS A 196 -15.24 -3.54 -23.32
CA HIS A 196 -14.84 -4.87 -23.68
C HIS A 196 -16.02 -5.64 -24.25
N ALA A 197 -15.71 -6.47 -25.25
CA ALA A 197 -16.67 -7.26 -25.99
C ALA A 197 -16.64 -8.70 -25.50
N ALA A 198 -17.71 -9.12 -24.84
CA ALA A 198 -17.73 -10.43 -24.21
C ALA A 198 -18.71 -11.35 -24.93
N PRO A 199 -18.40 -12.64 -25.03
CA PRO A 199 -19.43 -13.61 -25.40
C PRO A 199 -20.55 -13.57 -24.39
N ARG A 200 -21.73 -14.03 -24.81
CA ARG A 200 -22.76 -14.39 -23.85
C ARG A 200 -22.28 -15.60 -23.10
N GLY A 201 -22.49 -15.63 -21.79
CA GLY A 201 -21.95 -16.73 -21.03
C GLY A 201 -21.16 -16.27 -19.82
N TRP A 202 -20.14 -17.03 -19.45
CA TRP A 202 -19.27 -16.65 -18.35
C TRP A 202 -18.12 -15.80 -18.87
N LEU A 203 -17.78 -14.75 -18.11
CA LEU A 203 -16.65 -13.87 -18.37
C LEU A 203 -15.73 -13.96 -17.18
N ARG A 204 -14.48 -14.35 -17.41
CA ARG A 204 -13.50 -14.46 -16.33
C ARG A 204 -12.66 -13.19 -16.32
N LEU A 205 -12.53 -12.57 -15.16
CA LEU A 205 -11.83 -11.29 -15.06
C LEU A 205 -10.78 -11.44 -13.98
N ARG A 206 -9.50 -11.30 -14.36
CA ARG A 206 -8.38 -11.31 -13.42
C ARG A 206 -8.16 -9.87 -12.99
N LEU A 207 -8.73 -9.49 -11.84
CA LEU A 207 -8.67 -8.11 -11.36
C LEU A 207 -7.41 -7.90 -10.56
N LEU A 208 -6.80 -6.74 -10.76
CA LEU A 208 -5.57 -6.38 -10.06
C LEU A 208 -5.64 -4.92 -9.64
N ASN A 209 -5.56 -4.68 -8.35
CA ASN A 209 -5.48 -3.32 -7.85
C ASN A 209 -4.03 -2.89 -7.96
N GLY A 210 -3.74 -2.02 -8.89
CA GLY A 210 -2.38 -1.58 -9.03
C GLY A 210 -2.26 -0.12 -8.68
N CYS A 211 -3.19 0.41 -7.89
CA CYS A 211 -3.05 1.79 -7.47
C CYS A 211 -1.86 1.94 -6.54
N ASN A 212 -1.45 3.18 -6.32
CA ASN A 212 -0.39 3.34 -5.36
C ASN A 212 -0.93 3.25 -3.94
N ALA A 213 -1.95 4.03 -3.63
CA ALA A 213 -2.57 3.92 -2.33
C ALA A 213 -4.05 3.66 -2.39
N ARG A 214 -4.67 3.86 -3.54
CA ARG A 214 -6.12 3.79 -3.62
C ARG A 214 -6.56 2.35 -3.52
N SER A 215 -7.38 2.07 -2.54
CA SER A 215 -8.04 0.78 -2.52
C SER A 215 -9.30 0.87 -3.37
N LEU A 216 -9.70 -0.27 -3.93
CA LEU A 216 -10.84 -0.34 -4.82
C LEU A 216 -11.90 -1.29 -4.26
N ASN A 217 -13.10 -1.19 -4.83
CA ASN A 217 -14.18 -2.05 -4.38
C ASN A 217 -15.11 -2.30 -5.55
N PHE A 218 -14.88 -3.41 -6.23
CA PHE A 218 -15.55 -3.72 -7.47
C PHE A 218 -16.99 -4.18 -7.22
N ALA A 219 -17.82 -3.96 -8.22
CA ALA A 219 -19.23 -4.31 -8.27
C ALA A 219 -19.66 -4.05 -9.71
N THR A 220 -20.90 -4.39 -10.02
CA THR A 220 -21.43 -4.19 -11.37
C THR A 220 -22.53 -3.13 -11.33
N SER A 221 -22.56 -2.30 -12.35
CA SER A 221 -23.53 -1.23 -12.52
C SER A 221 -24.96 -1.68 -12.21
N ASP A 222 -25.31 -2.90 -12.62
CA ASP A 222 -26.67 -3.37 -12.46
C ASP A 222 -26.78 -4.47 -11.43
N ASN A 223 -25.74 -4.64 -10.61
CA ASN A 223 -25.80 -5.44 -9.37
C ASN A 223 -25.97 -6.93 -9.62
N ARG A 224 -25.47 -7.45 -10.74
CA ARG A 224 -25.30 -8.88 -10.84
C ARG A 224 -24.10 -9.31 -9.98
N PRO A 225 -24.14 -10.49 -9.40
CA PRO A 225 -23.10 -10.90 -8.47
C PRO A 225 -21.80 -11.21 -9.18
N LEU A 226 -20.70 -11.07 -8.47
CA LEU A 226 -19.42 -11.58 -8.94
C LEU A 226 -19.13 -12.89 -8.22
N TYR A 227 -18.68 -13.88 -8.96
CA TYR A 227 -18.30 -15.16 -8.37
C TYR A 227 -16.79 -15.22 -8.25
N VAL A 228 -16.27 -14.98 -7.05
CA VAL A 228 -14.84 -15.06 -6.83
C VAL A 228 -14.41 -16.51 -6.93
N ILE A 229 -13.39 -16.76 -7.73
CA ILE A 229 -12.85 -18.12 -7.86
C ILE A 229 -11.37 -18.21 -7.54
N ALA A 230 -10.64 -17.10 -7.51
CA ALA A 230 -9.30 -17.23 -6.99
C ALA A 230 -8.83 -15.93 -6.37
N SER A 231 -7.84 -16.07 -5.50
CA SER A 231 -7.18 -14.99 -4.79
C SER A 231 -5.71 -14.93 -5.19
N ASP A 232 -5.00 -14.00 -4.56
CA ASP A 232 -3.58 -13.75 -4.81
C ASP A 232 -2.80 -14.98 -5.25
N GLY A 233 -2.92 -16.08 -4.53
CA GLY A 233 -2.06 -17.23 -4.72
C GLY A 233 -2.62 -18.38 -5.51
N GLY A 234 -3.88 -18.34 -5.89
CA GLY A 234 -4.45 -19.42 -6.65
C GLY A 234 -5.93 -19.59 -6.36
N LEU A 235 -6.45 -20.71 -6.83
CA LEU A 235 -7.87 -20.98 -6.75
C LEU A 235 -8.34 -21.01 -5.30
N LEU A 236 -9.60 -20.61 -5.10
CA LEU A 236 -10.33 -20.93 -3.89
C LEU A 236 -10.77 -22.38 -4.01
N PRO A 237 -11.21 -22.99 -2.93
CA PRO A 237 -11.87 -24.30 -3.05
C PRO A 237 -13.20 -24.25 -3.81
N GLU A 238 -14.10 -23.37 -3.43
CA GLU A 238 -15.37 -23.23 -4.12
C GLU A 238 -15.56 -21.76 -4.47
N PRO A 239 -16.43 -21.46 -5.42
CA PRO A 239 -16.72 -20.07 -5.74
C PRO A 239 -17.44 -19.37 -4.60
N VAL A 240 -17.00 -18.16 -4.28
CA VAL A 240 -17.65 -17.32 -3.29
C VAL A 240 -18.47 -16.28 -4.04
N LYS A 241 -19.77 -16.24 -3.82
CA LYS A 241 -20.61 -15.26 -4.51
C LYS A 241 -20.62 -13.99 -3.69
N VAL A 242 -20.38 -12.85 -4.34
CA VAL A 242 -20.31 -11.61 -3.59
C VAL A 242 -21.03 -10.55 -4.39
N SER A 243 -21.52 -9.55 -3.68
CA SER A 243 -22.15 -8.41 -4.31
C SER A 243 -21.16 -7.32 -4.59
N GLU A 244 -20.10 -7.24 -3.78
CA GLU A 244 -19.01 -6.32 -4.04
C GLU A 244 -17.74 -6.96 -3.53
N LEU A 245 -16.62 -6.59 -4.16
CA LEU A 245 -15.31 -7.18 -3.94
C LEU A 245 -14.36 -6.04 -3.67
N PRO A 246 -14.10 -5.71 -2.40
CA PRO A 246 -13.02 -4.80 -2.11
C PRO A 246 -11.70 -5.49 -2.39
N VAL A 247 -10.80 -4.75 -3.05
CA VAL A 247 -9.45 -5.18 -3.38
C VAL A 247 -8.46 -4.09 -2.96
N LEU A 248 -7.39 -4.51 -2.32
CA LEU A 248 -6.30 -3.67 -1.85
C LEU A 248 -5.11 -3.70 -2.82
N MET A 249 -4.24 -2.71 -2.65
CA MET A 249 -3.08 -2.51 -3.50
C MET A 249 -2.21 -3.75 -3.64
N GLY A 250 -2.16 -4.32 -4.84
CA GLY A 250 -1.34 -5.46 -5.12
C GLY A 250 -2.06 -6.78 -5.04
N GLU A 251 -3.30 -6.78 -4.56
CA GLU A 251 -4.09 -7.99 -4.49
C GLU A 251 -4.68 -8.30 -5.85
N ARG A 252 -4.95 -9.58 -6.07
CA ARG A 252 -5.63 -10.02 -7.28
C ARG A 252 -6.78 -10.96 -6.92
N PHE A 253 -7.90 -10.80 -7.62
CA PHE A 253 -8.99 -11.75 -7.53
C PHE A 253 -9.48 -12.05 -8.92
N GLU A 254 -9.60 -13.32 -9.24
CA GLU A 254 -10.22 -13.75 -10.49
C GLU A 254 -11.68 -14.04 -10.17
N VAL A 255 -12.58 -13.29 -10.83
CA VAL A 255 -14.02 -13.43 -10.66
C VAL A 255 -14.63 -13.93 -11.96
N LEU A 256 -15.80 -14.55 -11.87
CA LEU A 256 -16.63 -14.79 -13.05
C LEU A 256 -17.87 -13.90 -12.98
N VAL A 257 -18.40 -13.50 -14.12
CA VAL A 257 -19.62 -12.73 -14.15
C VAL A 257 -20.43 -13.23 -15.33
N GLU A 258 -21.74 -13.05 -15.25
CA GLU A 258 -22.67 -13.58 -16.25
C GLU A 258 -23.05 -12.52 -17.26
N VAL A 259 -22.99 -12.90 -18.53
CA VAL A 259 -23.40 -12.04 -19.64
C VAL A 259 -24.52 -12.77 -20.37
N ASN A 260 -25.71 -12.16 -20.46
CA ASN A 260 -26.83 -12.89 -21.04
C ASN A 260 -27.56 -12.17 -22.15
N ASP A 261 -28.29 -11.12 -21.80
CA ASP A 261 -28.91 -10.31 -22.82
C ASP A 261 -27.84 -9.47 -23.51
N ASN A 262 -28.27 -8.77 -24.52
CA ASN A 262 -27.43 -7.69 -24.98
C ASN A 262 -27.31 -6.59 -23.98
N LYS A 263 -27.83 -6.72 -22.75
CA LYS A 263 -27.73 -5.71 -21.71
C LYS A 263 -26.25 -5.46 -21.44
N PRO A 264 -25.71 -4.31 -21.84
CA PRO A 264 -24.38 -3.93 -21.39
C PRO A 264 -24.45 -3.56 -19.92
N PHE A 265 -23.27 -3.45 -19.32
CA PHE A 265 -23.21 -3.15 -17.91
C PHE A 265 -21.75 -2.87 -17.60
N ASP A 266 -21.53 -1.99 -16.65
CA ASP A 266 -20.18 -1.65 -16.30
C ASP A 266 -19.71 -2.42 -15.09
N LEU A 267 -18.40 -2.65 -15.05
CA LEU A 267 -17.70 -2.93 -13.81
C LEU A 267 -17.46 -1.58 -13.16
N VAL A 268 -17.80 -1.45 -11.90
CA VAL A 268 -17.61 -0.21 -11.17
C VAL A 268 -16.82 -0.47 -9.91
N THR A 269 -16.26 0.60 -9.35
CA THR A 269 -15.58 0.58 -8.06
C THR A 269 -16.33 1.55 -7.17
N LEU A 270 -16.78 1.06 -6.07
CA LEU A 270 -17.64 1.79 -5.17
C LEU A 270 -16.79 2.64 -4.24
N PRO A 271 -17.35 3.74 -3.73
CA PRO A 271 -16.55 4.61 -2.84
C PRO A 271 -16.12 3.82 -1.63
N VAL A 272 -14.89 4.07 -1.16
CA VAL A 272 -14.28 3.25 -0.12
C VAL A 272 -13.96 4.11 1.09
N SER A 273 -14.19 3.55 2.28
CA SER A 273 -13.95 4.22 3.58
C SER A 273 -12.48 4.42 3.88
N GLN A 274 -11.78 5.24 3.10
CA GLN A 274 -10.35 5.37 3.26
C GLN A 274 -9.96 6.84 3.14
N MET A 275 -9.05 7.26 4.00
CA MET A 275 -8.58 8.65 4.04
C MET A 275 -8.15 9.13 2.67
N GLY A 276 -8.89 10.09 2.13
CA GLY A 276 -8.53 10.67 0.85
C GLY A 276 -8.95 9.91 -0.38
N MET A 277 -9.82 8.93 -0.27
CA MET A 277 -10.17 8.13 -1.44
C MET A 277 -11.62 8.28 -1.82
N ALA A 278 -12.36 9.11 -1.09
CA ALA A 278 -13.74 9.43 -1.43
C ALA A 278 -13.90 10.92 -1.66
N ILE A 279 -12.84 11.58 -2.13
CA ILE A 279 -13.03 12.86 -2.79
C ILE A 279 -13.55 12.61 -4.20
N ALA A 280 -14.22 13.61 -4.76
CA ALA A 280 -14.63 13.51 -6.15
C ALA A 280 -13.39 13.19 -6.97
N PRO A 281 -13.51 12.41 -8.07
CA PRO A 281 -14.74 11.86 -8.65
C PRO A 281 -15.16 10.54 -8.04
N PHE A 282 -14.42 10.09 -7.02
CA PHE A 282 -14.64 8.82 -6.35
C PHE A 282 -15.55 8.92 -5.14
N ASP A 283 -16.26 10.05 -4.98
CA ASP A 283 -17.28 10.18 -3.95
C ASP A 283 -18.45 9.25 -4.22
N LYS A 284 -18.80 9.04 -5.48
CA LYS A 284 -19.85 8.17 -5.93
C LYS A 284 -19.24 6.92 -6.57
N PRO A 285 -20.07 5.92 -6.89
CA PRO A 285 -19.59 4.81 -7.71
C PRO A 285 -18.98 5.31 -9.02
N HIS A 286 -17.89 4.66 -9.41
CA HIS A 286 -17.08 5.13 -10.52
C HIS A 286 -16.85 4.00 -11.50
N PRO A 287 -17.06 4.21 -12.80
CA PRO A 287 -16.97 3.09 -13.77
C PRO A 287 -15.54 2.72 -14.10
N VAL A 288 -15.26 1.41 -14.03
CA VAL A 288 -13.96 0.83 -14.36
C VAL A 288 -13.88 0.45 -15.83
N MET A 289 -14.96 -0.10 -16.38
CA MET A 289 -15.01 -0.52 -17.77
C MET A 289 -16.42 -1.01 -18.08
N ARG A 290 -16.79 -0.94 -19.35
CA ARG A 290 -18.12 -1.36 -19.80
C ARG A 290 -18.02 -2.68 -20.53
N ILE A 291 -18.91 -3.62 -20.24
CA ILE A 291 -18.96 -4.89 -20.96
C ILE A 291 -20.12 -4.86 -21.94
N GLN A 292 -19.86 -5.14 -23.21
CA GLN A 292 -20.86 -5.23 -24.24
C GLN A 292 -20.88 -6.62 -24.83
N PRO A 293 -22.01 -7.33 -24.78
CA PRO A 293 -22.02 -8.70 -25.27
C PRO A 293 -22.29 -8.72 -26.76
N ILE A 294 -21.56 -9.62 -27.43
CA ILE A 294 -21.78 -9.89 -28.84
C ILE A 294 -21.61 -11.37 -29.15
N ALA A 295 -21.78 -11.74 -30.41
CA ALA A 295 -21.90 -13.12 -30.84
C ALA A 295 -20.59 -13.88 -30.86
N ILE A 296 -19.65 -13.51 -29.99
CA ILE A 296 -18.36 -14.21 -29.93
C ILE A 296 -18.53 -15.56 -29.24
N SER A 297 -17.59 -16.46 -29.51
CA SER A 297 -17.59 -17.77 -28.87
C SER A 297 -17.29 -17.68 -27.38
N ALA A 298 -18.07 -18.41 -26.57
CA ALA A 298 -17.78 -18.53 -25.15
C ALA A 298 -16.98 -19.81 -24.91
N SER A 299 -16.54 -20.02 -23.68
CA SER A 299 -15.60 -21.12 -23.51
C SER A 299 -15.65 -21.85 -22.18
N GLY A 300 -16.24 -21.26 -21.14
CA GLY A 300 -16.06 -21.76 -19.80
C GLY A 300 -17.36 -21.91 -19.04
N ALA A 301 -17.22 -22.49 -17.85
CA ALA A 301 -18.32 -22.69 -16.92
C ALA A 301 -17.87 -22.27 -15.54
N LEU A 302 -18.85 -22.13 -14.65
CA LEU A 302 -18.61 -21.82 -13.25
C LEU A 302 -18.72 -23.07 -12.39
N PRO A 303 -17.60 -23.76 -12.17
CA PRO A 303 -17.65 -25.04 -11.45
C PRO A 303 -18.15 -24.88 -10.03
N ASP A 304 -18.63 -25.99 -9.45
CA ASP A 304 -19.08 -25.91 -8.07
C ASP A 304 -17.97 -26.28 -7.09
N THR A 305 -16.92 -26.91 -7.59
CA THR A 305 -15.65 -27.02 -6.90
C THR A 305 -14.55 -26.55 -7.83
N LEU A 306 -13.49 -26.00 -7.25
CA LEU A 306 -12.37 -25.48 -8.04
C LEU A 306 -11.07 -26.20 -7.73
N SER A 307 -10.72 -26.32 -6.47
CA SER A 307 -9.47 -26.99 -6.14
C SER A 307 -9.54 -27.48 -4.71
N SER A 308 -8.57 -28.31 -4.36
CA SER A 308 -8.41 -28.75 -2.99
C SER A 308 -7.43 -27.82 -2.27
N LEU A 309 -7.62 -27.67 -0.96
CA LEU A 309 -6.80 -26.77 -0.17
C LEU A 309 -6.36 -27.44 1.13
N PRO A 310 -5.06 -27.57 1.40
CA PRO A 310 -4.58 -28.41 2.51
C PRO A 310 -5.06 -27.92 3.86
N ALA A 311 -4.97 -28.81 4.84
CA ALA A 311 -5.36 -28.47 6.20
C ALA A 311 -4.32 -27.56 6.83
N LEU A 312 -4.69 -27.00 7.96
CA LEU A 312 -3.67 -26.17 8.58
C LEU A 312 -3.00 -26.91 9.72
N PRO A 313 -1.70 -26.76 9.90
CA PRO A 313 -1.00 -27.46 10.98
C PRO A 313 -1.32 -26.88 12.35
N SER A 314 -1.23 -27.73 13.37
CA SER A 314 -1.54 -27.26 14.72
C SER A 314 -0.69 -26.04 15.02
N LEU A 315 -1.31 -25.07 15.68
CA LEU A 315 -0.83 -23.71 15.62
C LEU A 315 -0.05 -23.34 16.86
N GLU A 316 0.49 -24.32 17.56
CA GLU A 316 1.33 -24.03 18.70
C GLU A 316 2.66 -24.75 18.49
N GLY A 317 3.68 -24.22 19.15
CA GLY A 317 5.04 -24.63 18.87
C GLY A 317 5.59 -23.79 17.74
N LEU A 318 4.67 -23.33 16.87
CA LEU A 318 5.02 -22.46 15.75
C LEU A 318 5.68 -21.19 16.24
N THR A 319 6.93 -20.98 15.82
CA THR A 319 7.60 -19.70 16.01
C THR A 319 6.63 -18.57 15.72
N VAL A 320 6.57 -17.58 16.61
CA VAL A 320 5.64 -16.47 16.47
C VAL A 320 6.42 -15.17 16.45
N ARG A 321 6.09 -14.29 15.50
CA ARG A 321 6.80 -13.01 15.33
C ARG A 321 5.80 -11.87 15.32
N LYS A 322 6.01 -10.87 16.19
CA LYS A 322 5.17 -9.67 16.19
C LYS A 322 5.86 -8.54 15.44
N LEU A 323 5.15 -8.00 14.48
CA LEU A 323 5.55 -6.81 13.75
C LEU A 323 4.51 -5.75 14.10
N GLN A 324 4.97 -4.59 14.52
CA GLN A 324 4.10 -3.50 14.94
C GLN A 324 4.35 -2.31 14.03
N LEU A 325 3.40 -2.04 13.12
CA LEU A 325 3.55 -0.93 12.18
C LEU A 325 3.21 0.40 12.85
N SER A 326 3.92 1.46 12.46
CA SER A 326 3.84 2.72 13.17
C SER A 326 4.16 3.86 12.24
N MET A 327 3.21 4.78 12.10
CA MET A 327 3.43 6.02 11.39
C MET A 327 3.76 7.09 12.42
N ASP A 328 4.98 7.63 12.35
CA ASP A 328 5.46 8.71 13.22
C ASP A 328 4.35 9.76 13.36
N PRO A 329 3.85 10.00 14.57
CA PRO A 329 2.63 10.80 14.76
C PRO A 329 2.71 12.21 14.20
N ILE A 330 3.92 12.77 14.12
CA ILE A 330 4.08 14.07 13.49
C ILE A 330 3.70 13.99 12.02
N LEU A 331 4.15 12.93 11.35
CA LEU A 331 3.83 12.76 9.93
C LEU A 331 2.33 12.77 9.72
N ASP A 332 1.60 12.01 10.55
CA ASP A 332 0.15 11.96 10.48
C ASP A 332 -0.47 13.34 10.64
N MET A 333 -0.15 14.04 11.75
CA MET A 333 -0.75 15.36 11.98
C MET A 333 -0.53 16.28 10.79
N MET A 334 0.70 16.29 10.27
CA MET A 334 1.06 17.22 9.21
C MET A 334 0.40 16.85 7.87
N GLY A 335 0.53 15.58 7.46
CA GLY A 335 -0.16 15.12 6.28
C GLY A 335 -1.63 15.47 6.28
N MET A 336 -2.32 15.13 7.38
CA MET A 336 -3.73 15.45 7.46
C MET A 336 -3.99 16.95 7.38
N GLN A 337 -3.06 17.79 7.84
CA GLN A 337 -3.29 19.22 7.64
C GLN A 337 -3.24 19.59 6.17
N MET A 338 -2.24 19.09 5.44
CA MET A 338 -2.20 19.36 3.99
C MET A 338 -3.47 18.90 3.31
N LEU A 339 -3.95 17.71 3.67
CA LEU A 339 -5.14 17.12 3.06
C LEU A 339 -6.39 17.92 3.43
N MET A 340 -6.57 18.21 4.72
CA MET A 340 -7.73 18.98 5.17
C MET A 340 -7.73 20.38 4.60
N GLU A 341 -6.59 20.89 4.16
CA GLU A 341 -6.63 22.15 3.44
C GLU A 341 -7.03 21.93 1.99
N LYS A 342 -6.35 21.01 1.29
CA LYS A 342 -6.45 20.99 -0.17
C LYS A 342 -7.88 20.71 -0.64
N TYR A 343 -8.60 19.82 0.04
CA TYR A 343 -9.89 19.34 -0.48
C TYR A 343 -11.08 19.66 0.42
N GLY A 344 -10.97 20.66 1.29
CA GLY A 344 -12.07 20.90 2.21
C GLY A 344 -12.17 19.70 3.13
N ASP A 345 -13.32 19.55 3.79
CA ASP A 345 -13.56 18.38 4.63
C ASP A 345 -14.41 17.33 3.93
N GLN A 346 -14.57 17.44 2.60
CA GLN A 346 -14.95 16.29 1.80
C GLN A 346 -13.89 15.21 1.81
N ALA A 347 -12.74 15.49 2.43
CA ALA A 347 -11.57 14.62 2.38
C ALA A 347 -11.81 13.34 3.18
N MET A 348 -11.88 13.50 4.49
CA MET A 348 -12.00 12.37 5.40
C MET A 348 -13.37 11.71 5.36
N ALA A 349 -14.27 12.16 4.48
CA ALA A 349 -15.58 11.55 4.32
C ALA A 349 -15.46 10.04 4.21
N GLY A 350 -16.23 9.33 5.02
CA GLY A 350 -16.22 7.87 5.04
C GLY A 350 -15.62 7.29 6.32
N MET A 351 -14.59 7.96 6.83
CA MET A 351 -14.06 7.67 8.15
C MET A 351 -14.09 8.94 9.01
N ASP A 352 -15.11 9.78 8.78
CA ASP A 352 -15.24 11.08 9.42
C ASP A 352 -16.20 10.96 10.60
N HIS A 353 -15.66 11.00 11.82
CA HIS A 353 -16.50 10.89 13.01
C HIS A 353 -15.81 11.42 14.27
N SER A 354 -15.89 10.64 15.34
CA SER A 354 -15.52 11.06 16.69
C SER A 354 -14.02 10.92 17.01
N GLN A 355 -13.21 10.38 16.08
CA GLN A 355 -11.79 10.22 16.34
C GLN A 355 -11.14 11.58 16.57
N MET A 356 -10.44 11.70 17.68
CA MET A 356 -9.91 12.97 18.07
C MET A 356 -8.58 12.72 18.76
N THR A 357 -8.07 13.80 19.32
CA THR A 357 -6.73 13.78 19.88
C THR A 357 -6.72 14.84 20.97
N SER A 358 -6.23 14.45 22.14
CA SER A 358 -6.35 15.20 23.38
C SER A 358 -5.43 16.40 23.39
N PHE A 359 -5.57 17.25 24.41
CA PHE A 359 -4.57 18.31 24.51
C PHE A 359 -3.24 17.74 24.94
N ALA A 360 -3.24 16.75 25.83
CA ALA A 360 -2.01 16.17 26.31
C ALA A 360 -1.24 15.49 25.19
N GLU A 361 -1.93 14.82 24.27
CA GLU A 361 -1.26 14.22 23.13
C GLU A 361 -0.64 15.29 22.23
N TYR A 362 -1.41 16.34 21.95
CA TYR A 362 -0.87 17.41 21.12
C TYR A 362 0.38 17.99 21.75
N TRP A 363 0.33 18.23 23.05
CA TRP A 363 1.44 18.87 23.73
C TRP A 363 2.64 17.93 23.83
N ALA A 364 2.41 16.65 24.08
CA ALA A 364 3.52 15.70 24.07
C ALA A 364 4.16 15.62 22.70
N LEU A 365 3.37 15.75 21.64
CA LEU A 365 3.94 15.80 20.30
C LEU A 365 4.80 17.04 20.14
N LEU A 366 4.32 18.17 20.65
CA LEU A 366 5.12 19.39 20.59
C LEU A 366 6.47 19.16 21.26
N SER A 367 6.43 18.77 22.55
CA SER A 367 7.66 18.60 23.33
C SER A 367 8.60 17.62 22.69
N MET A 368 8.06 16.62 22.00
CA MET A 368 8.91 15.53 21.55
C MET A 368 9.81 15.94 20.38
N ASN A 369 9.34 16.74 19.42
CA ASN A 369 10.29 17.19 18.41
C ASN A 369 10.82 18.58 18.77
N HIS A 370 11.43 18.63 19.96
CA HIS A 370 12.16 19.82 20.39
C HIS A 370 13.29 20.18 19.42
N GLY A 371 13.95 19.17 18.86
CA GLY A 371 14.97 19.48 17.87
C GLY A 371 14.42 20.10 16.60
N GLY A 372 13.11 19.98 16.36
CA GLY A 372 12.61 20.32 15.05
C GLY A 372 13.21 19.49 13.95
N LYS A 373 13.96 18.44 14.30
CA LYS A 373 14.45 17.47 13.34
C LYS A 373 13.34 16.43 13.17
N PHE A 374 12.72 16.45 12.00
CA PHE A 374 11.68 15.50 11.64
C PHE A 374 11.88 15.22 10.16
N ASP A 375 12.82 14.31 9.86
CA ASP A 375 13.02 13.84 8.49
C ASP A 375 11.97 12.77 8.20
N PHE A 376 10.89 13.15 7.50
CA PHE A 376 9.76 12.24 7.33
C PHE A 376 10.05 11.08 6.39
N HIS A 377 11.27 10.93 5.91
CA HIS A 377 11.60 9.79 5.07
C HIS A 377 12.00 8.57 5.87
N HIS A 378 11.91 8.65 7.19
CA HIS A 378 11.96 7.47 8.04
C HIS A 378 10.82 7.50 9.04
N ALA A 379 9.78 8.30 8.78
CA ALA A 379 8.65 8.46 9.68
C ALA A 379 7.78 7.21 9.75
N ASN A 380 7.83 6.33 8.77
CA ASN A 380 7.08 5.07 8.82
C ASN A 380 8.00 3.94 9.22
N LYS A 381 7.55 3.16 10.20
CA LYS A 381 8.40 2.17 10.83
C LYS A 381 7.60 0.89 11.02
N ILE A 382 8.33 -0.21 10.97
CA ILE A 382 7.93 -1.50 11.50
C ILE A 382 8.80 -1.71 12.71
N ASN A 383 8.20 -2.10 13.82
CA ASN A 383 8.93 -2.48 15.02
C ASN A 383 9.73 -1.33 15.60
N GLY A 384 9.38 -0.08 15.27
CA GLY A 384 10.07 1.06 15.80
C GLY A 384 11.12 1.69 14.89
N GLN A 385 11.81 0.90 14.07
CA GLN A 385 12.80 1.47 13.17
C GLN A 385 12.37 1.28 11.72
N ALA A 386 12.67 2.30 10.91
CA ALA A 386 12.42 2.30 9.48
C ALA A 386 13.43 1.44 8.75
N PHE A 387 13.28 1.38 7.44
CA PHE A 387 14.06 0.42 6.68
C PHE A 387 15.51 0.84 6.61
N ASP A 388 16.38 -0.15 6.78
CA ASP A 388 17.80 0.00 6.56
C ASP A 388 18.20 -1.33 5.94
N MET A 389 18.78 -1.29 4.75
CA MET A 389 19.15 -2.53 4.10
C MET A 389 20.19 -3.32 4.89
N ASN A 390 20.90 -2.67 5.84
CA ASN A 390 22.07 -3.28 6.48
C ASN A 390 21.68 -4.49 7.34
N LYS A 391 20.58 -4.39 8.09
CA LYS A 391 20.24 -5.41 9.07
C LYS A 391 18.91 -6.07 8.69
N PRO A 392 18.93 -7.28 8.15
CA PRO A 392 17.70 -8.09 8.16
C PRO A 392 17.20 -8.22 9.58
N MET A 393 15.90 -8.02 9.75
CA MET A 393 15.34 -7.96 11.10
C MET A 393 15.41 -9.31 11.79
N PHE A 394 15.28 -10.40 11.05
CA PHE A 394 15.33 -11.71 11.69
C PHE A 394 15.57 -12.80 10.66
N ALA A 395 15.87 -13.97 11.18
CA ALA A 395 16.05 -15.17 10.38
C ALA A 395 14.92 -16.12 10.74
N ALA A 396 14.10 -16.47 9.76
CA ALA A 396 13.00 -17.40 9.93
C ALA A 396 13.32 -18.71 9.21
N ALA A 397 12.67 -19.79 9.64
CA ALA A 397 13.10 -21.14 9.29
C ALA A 397 12.53 -21.60 7.97
N LYS A 398 13.36 -22.28 7.19
CA LYS A 398 12.91 -22.82 5.93
C LYS A 398 12.03 -24.03 6.18
N GLY A 399 11.03 -24.20 5.31
CA GLY A 399 10.16 -25.37 5.36
C GLY A 399 9.34 -25.47 6.61
N GLN A 400 9.22 -24.39 7.35
CA GLN A 400 8.65 -24.43 8.68
C GLN A 400 7.48 -23.46 8.75
N TYR A 401 6.44 -23.87 9.48
CA TYR A 401 5.28 -23.03 9.69
C TYR A 401 5.52 -22.03 10.82
N GLU A 402 5.06 -20.81 10.62
CA GLU A 402 5.26 -19.75 11.58
C GLU A 402 4.03 -18.87 11.61
N ARG A 403 3.80 -18.24 12.76
CA ARG A 403 2.66 -17.35 12.96
C ARG A 403 3.19 -15.93 13.01
N TRP A 404 3.07 -15.19 11.92
CA TRP A 404 3.44 -13.79 11.97
C TRP A 404 2.22 -12.95 12.38
N VAL A 405 2.44 -12.01 13.30
CA VAL A 405 1.36 -11.16 13.80
C VAL A 405 1.70 -9.70 13.51
N ILE A 406 0.93 -9.07 12.63
CA ILE A 406 1.18 -7.72 12.19
C ILE A 406 0.19 -6.80 12.90
N SER A 407 0.71 -5.91 13.74
CA SER A 407 -0.13 -4.94 14.42
C SER A 407 -0.13 -3.62 13.67
N GLY A 408 -1.17 -2.86 13.90
CA GLY A 408 -1.28 -1.59 13.23
C GLY A 408 -2.05 -0.68 14.14
N VAL A 409 -1.98 -0.98 15.44
CA VAL A 409 -2.67 -0.16 16.43
C VAL A 409 -1.88 1.11 16.62
N GLY A 410 -2.58 2.25 16.63
CA GLY A 410 -1.96 3.54 16.84
C GLY A 410 -2.13 4.50 15.69
N ASP A 411 -2.30 3.98 14.47
CA ASP A 411 -2.76 4.81 13.38
C ASP A 411 -3.88 4.10 12.63
N MET A 412 -4.74 4.92 12.04
CA MET A 412 -5.87 4.48 11.25
C MET A 412 -5.57 4.51 9.75
N MET A 413 -4.34 4.26 9.35
CA MET A 413 -3.95 4.31 7.95
C MET A 413 -3.91 2.88 7.41
N LEU A 414 -4.68 2.63 6.36
CA LEU A 414 -4.68 1.32 5.68
C LEU A 414 -3.27 0.84 5.41
N HIS A 415 -2.98 -0.41 5.74
CA HIS A 415 -1.65 -0.97 5.56
C HIS A 415 -1.74 -2.37 4.98
N PRO A 416 -2.05 -2.48 3.68
CA PRO A 416 -1.97 -3.79 3.02
C PRO A 416 -0.54 -4.26 3.10
N PHE A 417 -0.34 -5.43 3.69
CA PHE A 417 0.98 -5.85 4.15
C PHE A 417 1.43 -7.07 3.38
N HIS A 418 2.57 -6.94 2.71
CA HIS A 418 3.09 -7.89 1.73
C HIS A 418 4.31 -8.60 2.30
N ILE A 419 4.41 -9.90 2.04
CA ILE A 419 5.48 -10.76 2.52
C ILE A 419 6.01 -11.56 1.33
N HIS A 420 7.27 -11.35 0.96
CA HIS A 420 7.79 -12.00 -0.24
C HIS A 420 8.06 -13.47 0.00
N GLY A 421 8.16 -14.22 -1.09
CA GLY A 421 8.68 -15.58 -1.06
C GLY A 421 7.76 -16.64 -0.52
N THR A 422 6.45 -16.36 -0.48
CA THR A 422 5.51 -17.29 0.13
C THR A 422 4.12 -16.90 -0.32
N GLN A 423 3.24 -17.90 -0.38
CA GLN A 423 1.79 -17.71 -0.28
C GLN A 423 1.39 -18.20 1.10
N PHE A 424 0.61 -17.40 1.82
CA PHE A 424 0.27 -17.70 3.21
C PHE A 424 -1.24 -17.74 3.39
N ARG A 425 -1.67 -18.05 4.61
CA ARG A 425 -3.10 -18.12 4.92
C ARG A 425 -3.41 -17.23 6.12
N ILE A 426 -4.55 -16.55 6.06
CA ILE A 426 -4.90 -15.52 7.05
C ILE A 426 -5.73 -16.15 8.13
N LEU A 427 -5.29 -16.03 9.37
CA LEU A 427 -6.06 -16.53 10.50
C LEU A 427 -6.87 -15.42 11.11
N SER A 428 -6.25 -14.27 11.32
CA SER A 428 -6.97 -13.07 11.71
C SER A 428 -6.64 -11.98 10.71
N GLU A 429 -7.65 -11.31 10.19
CA GLU A 429 -7.40 -10.16 9.32
C GLU A 429 -7.99 -8.92 9.97
N ASN A 430 -7.11 -8.07 10.52
CA ASN A 430 -7.53 -6.86 11.22
C ASN A 430 -8.55 -7.16 12.31
N GLY A 431 -8.34 -8.25 13.04
CA GLY A 431 -9.12 -8.49 14.22
C GLY A 431 -10.39 -9.28 14.03
N LYS A 432 -10.72 -9.66 12.79
CA LYS A 432 -11.84 -10.52 12.45
C LYS A 432 -11.33 -11.69 11.63
N PRO A 433 -12.08 -12.79 11.55
CA PRO A 433 -11.64 -13.91 10.72
C PRO A 433 -11.78 -13.55 9.25
N PRO A 434 -10.88 -14.04 8.41
CA PRO A 434 -10.90 -13.62 7.01
C PRO A 434 -12.25 -13.88 6.36
N ALA A 435 -12.60 -13.02 5.42
CA ALA A 435 -13.79 -13.26 4.63
C ALA A 435 -13.63 -14.53 3.82
N ALA A 436 -14.79 -15.05 3.38
CA ALA A 436 -14.85 -16.37 2.76
C ALA A 436 -13.87 -16.52 1.60
N HIS A 437 -13.70 -15.50 0.77
CA HIS A 437 -12.78 -15.54 -0.36
C HIS A 437 -11.34 -15.14 -0.01
N ARG A 438 -11.10 -14.62 1.19
CA ARG A 438 -9.76 -14.29 1.60
C ARG A 438 -9.18 -15.36 2.53
N ALA A 439 -9.91 -16.46 2.72
CA ALA A 439 -9.38 -17.67 3.30
C ALA A 439 -8.42 -18.42 2.39
N GLY A 440 -8.17 -17.91 1.20
CA GLY A 440 -7.43 -18.68 0.23
C GLY A 440 -5.95 -18.64 0.50
N TRP A 441 -5.19 -18.68 -0.60
CA TRP A 441 -3.79 -18.28 -0.61
C TRP A 441 -3.73 -16.78 -0.83
N LYS A 442 -3.02 -16.07 0.06
CA LYS A 442 -2.82 -14.65 -0.14
C LYS A 442 -1.38 -14.29 0.17
N ASP A 443 -0.93 -13.18 -0.44
CA ASP A 443 0.36 -12.58 -0.17
C ASP A 443 0.21 -11.14 0.32
N THR A 444 -0.94 -10.77 0.89
CA THR A 444 -1.20 -9.42 1.37
C THR A 444 -2.25 -9.53 2.47
N VAL A 445 -2.15 -8.71 3.53
CA VAL A 445 -3.10 -8.76 4.64
C VAL A 445 -3.51 -7.35 5.01
N LYS A 446 -4.82 -7.12 5.17
CA LYS A 446 -5.27 -5.82 5.66
C LYS A 446 -4.78 -5.59 7.08
N VAL A 447 -4.25 -4.40 7.33
CA VAL A 447 -3.98 -3.93 8.68
C VAL A 447 -4.50 -2.49 8.70
N GLU A 448 -5.55 -2.24 9.47
CA GLU A 448 -6.10 -0.87 9.56
C GLU A 448 -6.51 -0.61 11.02
N GLY A 449 -5.54 -0.19 11.83
CA GLY A 449 -5.81 0.17 13.21
C GLY A 449 -5.91 -0.99 14.18
N ASN A 450 -5.81 -2.24 13.70
CA ASN A 450 -5.98 -3.44 14.50
C ASN A 450 -4.87 -4.46 14.24
N VAL A 451 -5.15 -5.74 14.43
CA VAL A 451 -4.11 -6.76 14.38
C VAL A 451 -4.53 -7.89 13.45
N SER A 452 -3.60 -8.32 12.60
CA SER A 452 -3.79 -9.50 11.78
C SER A 452 -2.80 -10.56 12.19
N GLU A 453 -3.12 -11.81 11.85
CA GLU A 453 -2.25 -12.96 12.06
C GLU A 453 -2.33 -13.88 10.86
N VAL A 454 -1.16 -14.19 10.30
CA VAL A 454 -1.05 -15.06 9.13
C VAL A 454 -0.17 -16.26 9.44
N LEU A 455 -0.48 -17.39 8.79
CA LEU A 455 0.30 -18.61 8.89
C LEU A 455 1.14 -18.72 7.62
N VAL A 456 2.45 -18.61 7.79
CA VAL A 456 3.35 -18.48 6.63
C VAL A 456 4.44 -19.54 6.71
N LYS A 457 4.88 -20.01 5.54
CA LYS A 457 5.97 -20.99 5.44
C LYS A 457 6.74 -20.74 4.15
N PHE A 458 8.05 -20.50 4.26
CA PHE A 458 8.89 -20.23 3.10
C PHE A 458 9.69 -21.47 2.74
N ASN A 459 9.67 -21.83 1.46
CA ASN A 459 10.34 -23.04 0.98
C ASN A 459 11.54 -22.72 0.12
N HIS A 460 12.08 -21.51 0.23
CA HIS A 460 13.13 -21.08 -0.68
C HIS A 460 14.13 -20.23 0.09
N ASP A 461 15.42 -20.43 -0.19
CA ASP A 461 16.49 -19.80 0.57
C ASP A 461 16.61 -18.32 0.23
N ALA A 462 16.85 -17.49 1.25
CA ALA A 462 17.18 -16.07 1.05
C ALA A 462 18.23 -15.59 2.04
N PRO A 463 19.42 -15.13 1.55
CA PRO A 463 20.50 -14.67 2.44
C PRO A 463 20.54 -13.16 2.67
N LYS A 464 21.38 -12.72 3.61
CA LYS A 464 21.54 -11.28 3.85
C LYS A 464 21.82 -10.55 2.54
N GLU A 465 22.54 -11.19 1.63
CA GLU A 465 22.87 -10.62 0.32
C GLU A 465 21.59 -10.29 -0.45
N HIS A 466 20.81 -11.30 -0.81
CA HIS A 466 19.50 -11.12 -1.43
C HIS A 466 18.43 -11.52 -0.42
N ALA A 467 17.91 -10.54 0.30
CA ALA A 467 17.00 -10.81 1.40
C ALA A 467 15.56 -10.63 0.95
N TYR A 468 14.66 -11.34 1.63
CA TYR A 468 13.23 -11.11 1.44
C TYR A 468 12.82 -9.82 2.13
N MET A 469 11.68 -9.28 1.71
CA MET A 469 11.15 -8.07 2.34
C MET A 469 9.78 -8.32 2.96
N ALA A 470 9.32 -7.30 3.68
CA ALA A 470 7.96 -7.27 4.18
C ALA A 470 7.58 -5.82 4.29
N HIS A 471 6.44 -5.45 3.72
CA HIS A 471 6.20 -4.01 3.62
C HIS A 471 4.72 -3.68 3.48
N CYS A 472 4.41 -2.46 3.84
CA CYS A 472 3.15 -1.89 3.43
C CYS A 472 3.17 -1.74 1.91
N HIS A 473 2.11 -2.15 1.24
CA HIS A 473 1.97 -1.98 -0.21
C HIS A 473 1.15 -0.76 -0.59
N LEU A 474 0.86 0.10 0.39
CA LEU A 474 0.65 1.52 0.15
C LEU A 474 2.02 2.09 -0.16
N LEU A 475 2.28 2.41 -1.42
CA LEU A 475 3.67 2.48 -1.85
C LEU A 475 4.44 3.57 -1.11
N GLU A 476 3.83 4.74 -0.93
CA GLU A 476 4.47 5.88 -0.28
C GLU A 476 4.82 5.60 1.19
N HIS A 477 4.12 4.66 1.83
CA HIS A 477 4.56 4.19 3.14
C HIS A 477 5.79 3.32 3.04
N GLU A 478 5.82 2.41 2.06
CA GLU A 478 6.99 1.55 1.91
C GLU A 478 8.23 2.38 1.60
N ASP A 479 8.04 3.43 0.78
CA ASP A 479 9.15 4.28 0.37
C ASP A 479 9.64 5.15 1.50
N THR A 480 8.78 5.48 2.46
CA THR A 480 9.21 6.31 3.58
C THR A 480 9.41 5.50 4.86
N GLY A 481 9.88 4.25 4.74
CA GLY A 481 10.42 3.52 5.88
C GLY A 481 9.67 2.30 6.34
N MET A 482 8.43 2.06 5.91
CA MET A 482 7.61 0.97 6.48
C MET A 482 7.81 -0.33 5.70
N MET A 483 8.87 -1.02 6.07
CA MET A 483 9.35 -2.20 5.37
C MET A 483 10.59 -2.75 6.08
N LEU A 484 10.73 -4.07 6.13
CA LEU A 484 11.91 -4.71 6.68
C LEU A 484 12.45 -5.73 5.69
N GLY A 485 13.58 -6.35 6.07
CA GLY A 485 14.10 -7.51 5.38
C GLY A 485 14.16 -8.69 6.31
N PHE A 486 14.27 -9.91 5.76
CA PHE A 486 14.49 -11.09 6.59
C PHE A 486 15.15 -12.17 5.75
N THR A 487 15.61 -13.23 6.45
CA THR A 487 16.36 -14.31 5.80
C THR A 487 15.78 -15.66 6.17
N VAL A 488 16.08 -16.67 5.35
CA VAL A 488 15.55 -18.02 5.56
C VAL A 488 16.53 -19.09 5.07
N LYS A 489 16.90 -20.03 5.97
CA LYS A 489 17.84 -21.11 5.65
C LYS A 489 17.49 -22.35 6.46
N ASP A 490 17.82 -23.52 5.91
CA ASP A 490 17.53 -24.81 6.56
C ASP A 490 18.29 -24.95 7.88
N PRO A 491 17.60 -25.08 9.01
CA PRO A 491 18.24 -24.91 10.32
C PRO A 491 19.46 -25.81 10.55
N ASN A 492 20.56 -25.17 10.94
CA ASN A 492 21.85 -25.82 11.10
C ASN A 492 21.93 -26.62 12.41
N GLU B 22 20.59 17.45 25.20
CA GLU B 22 19.73 18.20 26.12
C GLU B 22 20.16 19.63 26.22
N THR B 23 19.45 20.41 27.05
CA THR B 23 19.57 21.87 27.03
C THR B 23 19.02 22.49 28.32
N LEU B 24 19.83 23.35 28.95
CA LEU B 24 19.54 23.94 30.26
C LEU B 24 19.38 25.44 30.14
N VAL B 25 18.37 25.98 30.86
CA VAL B 25 17.84 27.32 30.63
C VAL B 25 17.39 27.99 31.93
N ARG B 26 17.31 29.32 31.86
CA ARG B 26 16.89 30.20 32.96
C ARG B 26 15.64 30.95 32.54
N PRO B 27 14.48 30.68 33.15
CA PRO B 27 13.26 31.42 32.78
C PRO B 27 13.33 32.87 33.23
N LYS B 28 13.13 33.77 32.27
CA LYS B 28 13.00 35.18 32.55
C LYS B 28 11.88 35.38 33.56
N PRO B 29 11.83 36.55 34.24
CA PRO B 29 10.90 36.73 35.36
C PRO B 29 9.51 36.16 35.18
N LEU B 30 8.74 36.74 34.24
CA LEU B 30 7.30 36.46 34.17
C LEU B 30 7.02 35.00 33.86
N LEU B 31 7.85 34.39 33.00
CA LEU B 31 7.72 32.96 32.77
C LEU B 31 7.98 32.17 34.04
N LEU B 32 9.04 32.53 34.79
CA LEU B 32 9.28 31.89 36.08
C LEU B 32 8.06 32.01 36.97
N LYS B 33 7.42 33.19 36.99
CA LYS B 33 6.19 33.36 37.75
C LYS B 33 5.16 32.32 37.35
N LEU B 34 4.85 32.25 36.05
CA LEU B 34 3.92 31.26 35.53
C LEU B 34 4.33 29.83 35.89
N LEU B 35 5.64 29.58 35.97
CA LEU B 35 6.15 28.24 36.24
C LEU B 35 5.96 27.82 37.68
N LYS B 36 5.98 28.75 38.62
CA LYS B 36 5.80 28.33 40.00
C LYS B 36 4.35 28.31 40.43
N SER B 37 3.43 28.90 39.65
CA SER B 37 2.01 28.84 39.96
C SER B 37 1.47 27.41 39.98
N VAL B 38 2.21 26.47 39.38
CA VAL B 38 1.81 25.07 39.35
C VAL B 38 2.59 24.23 40.33
N GLY B 39 3.66 24.75 40.91
CA GLY B 39 4.31 24.01 41.96
C GLY B 39 5.81 23.86 41.75
N ALA B 40 6.30 24.42 40.65
CA ALA B 40 7.74 24.49 40.46
C ALA B 40 8.36 25.37 41.54
N GLN B 41 9.63 25.12 41.82
CA GLN B 41 10.34 25.86 42.85
C GLN B 41 11.72 26.35 42.42
N LYS B 42 12.35 25.66 41.47
CA LYS B 42 13.71 25.93 40.97
C LYS B 42 13.92 27.36 40.44
N ASP B 43 15.14 27.67 40.01
CA ASP B 43 15.45 28.90 39.31
C ASP B 43 16.23 28.65 38.03
N THR B 44 16.26 27.41 37.55
CA THR B 44 17.08 27.04 36.41
C THR B 44 16.80 25.60 35.99
N TYR B 45 16.04 25.44 34.91
CA TYR B 45 15.40 24.19 34.50
C TYR B 45 16.03 23.64 33.24
N THR B 46 15.70 22.39 32.91
CA THR B 46 16.01 21.88 31.57
C THR B 46 14.85 22.23 30.63
N MET B 47 15.02 21.97 29.34
CA MET B 47 13.93 22.28 28.43
C MET B 47 12.73 21.36 28.69
N LYS B 48 12.97 20.04 28.77
CA LYS B 48 11.90 19.11 29.02
C LYS B 48 11.15 19.48 30.29
N GLU B 49 11.86 20.07 31.25
CA GLU B 49 11.25 20.45 32.52
C GLU B 49 10.27 21.62 32.33
N VAL B 50 10.64 22.59 31.51
CA VAL B 50 9.71 23.68 31.23
C VAL B 50 8.51 23.17 30.46
N LEU B 51 8.76 22.37 29.43
CA LEU B 51 7.65 21.89 28.62
C LEU B 51 6.62 21.20 29.50
N PHE B 52 7.07 20.25 30.34
CA PHE B 52 6.23 19.66 31.37
C PHE B 52 5.41 20.68 32.14
N TYR B 53 6.08 21.58 32.87
CA TYR B 53 5.33 22.44 33.78
C TYR B 53 4.37 23.35 33.00
N LEU B 54 4.76 23.75 31.78
CA LEU B 54 3.94 24.67 31.00
C LEU B 54 2.65 24.01 30.55
N GLY B 55 2.77 22.86 29.87
CA GLY B 55 1.61 22.05 29.59
C GLY B 55 0.79 21.80 30.84
N GLN B 56 1.45 21.59 31.97
CA GLN B 56 0.72 21.39 33.21
C GLN B 56 -0.09 22.64 33.56
N TYR B 57 0.47 23.82 33.31
CA TYR B 57 -0.22 25.07 33.58
C TYR B 57 -1.47 25.18 32.73
N ILE B 58 -1.34 24.93 31.43
CA ILE B 58 -2.47 25.05 30.50
C ILE B 58 -3.57 24.08 30.89
N MET B 59 -3.20 22.85 31.21
CA MET B 59 -4.22 21.88 31.55
C MET B 59 -4.80 22.07 32.92
N THR B 60 -4.12 22.83 33.78
CA THR B 60 -4.68 23.15 35.07
C THR B 60 -5.65 24.30 34.98
N LYS B 61 -5.41 25.23 34.07
CA LYS B 61 -6.21 26.44 33.95
C LYS B 61 -7.25 26.36 32.84
N ARG B 62 -7.56 25.15 32.34
CA ARG B 62 -8.60 24.93 31.33
C ARG B 62 -8.23 25.48 29.94
N LEU B 63 -7.05 26.07 29.78
CA LEU B 63 -6.80 26.98 28.66
C LEU B 63 -7.09 26.40 27.28
N TYR B 64 -7.03 25.09 27.09
CA TYR B 64 -7.39 24.57 25.79
C TYR B 64 -8.91 24.54 25.63
N ASP B 65 -9.36 24.45 24.37
CA ASP B 65 -10.78 24.35 24.06
C ASP B 65 -11.22 22.88 24.10
N GLU B 66 -12.36 22.62 24.77
CA GLU B 66 -12.77 21.23 24.95
C GLU B 66 -12.93 20.48 23.64
N LYS B 67 -13.31 21.18 22.57
CA LYS B 67 -13.62 20.54 21.29
C LYS B 67 -12.37 20.43 20.43
N GLN B 68 -11.87 21.57 19.94
CA GLN B 68 -10.56 21.68 19.28
C GLN B 68 -9.53 21.93 20.36
N GLN B 69 -8.83 20.89 20.78
CA GLN B 69 -7.94 21.06 21.92
C GLN B 69 -6.47 21.11 21.55
N HIS B 70 -6.15 21.38 20.29
CA HIS B 70 -4.84 21.92 19.97
C HIS B 70 -4.84 23.44 20.06
N ILE B 71 -5.93 24.01 20.55
CA ILE B 71 -6.18 25.44 20.52
C ILE B 71 -6.15 25.95 21.95
N VAL B 72 -5.29 26.93 22.22
CA VAL B 72 -5.14 27.49 23.55
C VAL B 72 -5.53 28.96 23.53
N TYR B 73 -6.44 29.32 24.45
CA TYR B 73 -7.04 30.65 24.57
C TYR B 73 -6.46 31.34 25.80
N CYS B 74 -5.50 32.24 25.60
CA CYS B 74 -4.79 32.84 26.72
C CYS B 74 -5.00 34.34 26.85
N SER B 75 -5.95 34.90 26.10
CA SER B 75 -6.16 36.34 26.00
C SER B 75 -6.16 37.09 27.33
N ASN B 76 -6.85 36.53 28.31
CA ASN B 76 -7.07 37.15 29.61
C ASN B 76 -6.13 36.60 30.68
N ASP B 77 -5.26 35.66 30.33
CA ASP B 77 -4.34 35.02 31.25
C ASP B 77 -2.96 35.66 31.24
N LEU B 78 -2.19 35.28 32.26
CA LEU B 78 -0.79 35.66 32.35
C LEU B 78 0.03 35.10 31.20
N LEU B 79 -0.29 33.87 30.75
CA LEU B 79 0.34 33.30 29.57
C LEU B 79 0.09 34.15 28.34
N GLY B 80 -1.08 34.80 28.27
CA GLY B 80 -1.33 35.71 27.16
C GLY B 80 -0.29 36.81 27.08
N ASP B 81 0.07 37.37 28.23
CA ASP B 81 1.09 38.43 28.26
C ASP B 81 2.47 37.86 28.02
N LEU B 82 2.75 36.68 28.57
CA LEU B 82 4.02 36.00 28.32
C LEU B 82 4.29 35.82 26.84
N PHE B 83 3.39 35.11 26.15
CA PHE B 83 3.56 34.79 24.74
C PHE B 83 3.27 35.98 23.84
N GLY B 84 2.45 36.92 24.31
CA GLY B 84 2.08 38.07 23.51
C GLY B 84 0.93 37.83 22.57
N VAL B 85 0.09 36.84 22.85
CA VAL B 85 -1.01 36.57 21.92
C VAL B 85 -2.30 36.42 22.72
N PRO B 86 -3.43 36.22 22.05
CA PRO B 86 -4.63 35.71 22.74
C PRO B 86 -4.94 34.25 22.42
N SER B 87 -4.25 33.70 21.41
CA SER B 87 -4.47 32.31 21.00
C SER B 87 -3.19 31.71 20.45
N PHE B 88 -3.15 30.38 20.42
CA PHE B 88 -2.13 29.70 19.64
C PHE B 88 -2.52 28.23 19.48
N SER B 89 -1.85 27.56 18.56
CA SER B 89 -2.12 26.16 18.29
C SER B 89 -0.91 25.29 18.59
N VAL B 90 -1.13 24.27 19.40
CA VAL B 90 -0.06 23.36 19.78
C VAL B 90 0.34 22.46 18.62
N LYS B 91 -0.09 22.82 17.40
CA LYS B 91 0.39 22.16 16.20
C LYS B 91 1.52 22.92 15.53
N GLU B 92 1.50 24.27 15.58
CA GLU B 92 2.55 25.10 14.99
C GLU B 92 3.75 25.07 15.94
N HIS B 93 4.53 24.00 15.82
CA HIS B 93 5.54 23.72 16.83
C HIS B 93 6.60 24.82 16.86
N ARG B 94 7.21 25.13 15.71
CA ARG B 94 8.34 26.06 15.73
C ARG B 94 7.89 27.44 16.20
N LYS B 95 6.63 27.80 15.95
CA LYS B 95 6.12 29.07 16.44
C LYS B 95 6.03 29.10 17.96
N ILE B 96 5.50 28.02 18.54
CA ILE B 96 5.36 28.01 20.00
C ILE B 96 6.72 27.89 20.68
N TYR B 97 7.67 27.22 20.02
CA TYR B 97 9.03 27.20 20.52
C TYR B 97 9.66 28.58 20.50
N THR B 98 9.40 29.39 19.47
CA THR B 98 9.98 30.73 19.42
C THR B 98 9.41 31.62 20.50
N MET B 99 8.10 31.53 20.73
CA MET B 99 7.52 32.20 21.90
C MET B 99 8.15 31.70 23.20
N ILE B 100 8.39 30.39 23.33
CA ILE B 100 9.00 29.88 24.57
C ILE B 100 10.41 30.43 24.74
N TYR B 101 11.22 30.38 23.67
CA TYR B 101 12.60 30.82 23.72
C TYR B 101 12.74 32.32 23.95
N ARG B 102 11.71 33.12 23.64
CA ARG B 102 11.81 34.53 23.96
C ARG B 102 11.95 34.76 25.44
N ASN B 103 11.21 34.01 26.28
CA ASN B 103 11.27 34.16 27.73
C ASN B 103 12.30 33.25 28.38
N LEU B 104 13.25 32.75 27.60
CA LEU B 104 14.33 31.91 28.10
C LEU B 104 15.65 32.63 28.03
N VAL B 105 16.54 32.26 28.94
CA VAL B 105 17.97 32.47 28.74
C VAL B 105 18.61 31.09 28.67
N VAL B 106 19.05 30.69 27.47
CA VAL B 106 19.76 29.43 27.35
C VAL B 106 21.09 29.55 28.09
N VAL B 107 21.43 28.53 28.87
CA VAL B 107 22.67 28.53 29.64
C VAL B 107 23.79 27.81 28.91
N ASN B 108 23.50 27.08 27.83
CA ASN B 108 24.52 26.42 26.97
C ASN B 108 24.13 26.34 25.44
#